data_4ILI
#
_entry.id   4ILI
#
_cell.length_a   62.820
_cell.length_b   62.820
_cell.length_c   326.240
_cell.angle_alpha   90.00
_cell.angle_beta   90.00
_cell.angle_gamma   120.00
#
_symmetry.space_group_name_H-M   'P 32 2 1'
#
_entity_poly.entity_id   1
_entity_poly.type   'polypeptide(L)'
_entity_poly.pdbx_seq_one_letter_code
;MNTVPFTSAPIEVTIGIDQYSFNVKENQPFHGIKDIPIGHVHVIHFQHADNSSMRYGYWFDCRMGNFYIQYDPKDGLYKM
MEERDGAKFENIVHNFKERQMMVSYPKIDEDDTWYNLTEFVQMDKIRKIVRKDENQFSYVDSSMTTVQENELSSSSSDPA
HSLNYTVINFKSREAIRPGHEMEDFLDKSYYLNTVMLQGIFKNSSNYFGELQFAFLNAMFFGNYGSSLQWHAMIELICSE
ATVPKHMLDKLDEILYYQIKTLPEQYSDILLNERVWNICLYSSFQKNSLHNTEKIMENKYPELLGLEHHHHHH
;
_entity_poly.pdbx_strand_id   A,B
#
# COMPACT_ATOMS: atom_id res chain seq x y z
N ASN A 2 -1.22 -8.51 -7.00
CA ASN A 2 -1.74 -8.84 -8.32
C ASN A 2 -0.76 -9.65 -9.15
N THR A 3 -1.08 -9.82 -10.42
CA THR A 3 -0.29 -10.67 -11.30
C THR A 3 -0.31 -10.17 -12.73
N VAL A 4 0.87 -10.10 -13.35
CA VAL A 4 0.98 -9.74 -14.75
C VAL A 4 1.52 -10.93 -15.53
N PRO A 5 0.64 -11.64 -16.23
CA PRO A 5 0.99 -12.87 -16.96
C PRO A 5 1.63 -12.60 -18.32
N PHE A 6 2.39 -13.57 -18.81
CA PHE A 6 3.03 -13.50 -20.12
C PHE A 6 2.42 -14.55 -21.04
N THR A 7 2.19 -14.18 -22.29
CA THR A 7 1.68 -15.12 -23.28
C THR A 7 2.74 -16.17 -23.59
N SER A 8 3.96 -15.70 -23.86
CA SER A 8 5.08 -16.58 -24.15
C SER A 8 6.41 -15.84 -24.04
N ALA A 9 7.50 -16.55 -24.28
CA ALA A 9 8.83 -15.94 -24.31
C ALA A 9 9.63 -16.48 -25.50
N PRO A 10 9.28 -16.04 -26.71
CA PRO A 10 9.87 -16.56 -27.95
C PRO A 10 11.26 -16.00 -28.24
N ILE A 11 11.66 -14.96 -27.53
CA ILE A 11 12.97 -14.35 -27.74
C ILE A 11 13.71 -14.16 -26.41
N GLU A 12 15.00 -14.50 -26.41
CA GLU A 12 15.83 -14.32 -25.22
C GLU A 12 15.91 -12.86 -24.83
N VAL A 13 15.42 -12.54 -23.63
CA VAL A 13 15.32 -11.16 -23.19
C VAL A 13 15.45 -11.05 -21.67
N THR A 14 16.12 -10.00 -21.21
CA THR A 14 16.23 -9.73 -19.78
C THR A 14 14.95 -9.06 -19.30
N ILE A 15 14.10 -9.84 -18.64
CA ILE A 15 12.81 -9.34 -18.15
C ILE A 15 12.90 -8.85 -16.70
N GLY A 16 12.59 -7.59 -16.48
CA GLY A 16 12.66 -7.02 -15.14
C GLY A 16 11.38 -6.36 -14.68
N ILE A 17 11.24 -6.24 -13.36
CA ILE A 17 10.10 -5.55 -12.76
C ILE A 17 10.60 -4.58 -11.69
N ASP A 18 10.27 -3.30 -11.85
CA ASP A 18 10.74 -2.24 -10.96
C ASP A 18 12.26 -2.27 -10.84
N GLN A 19 12.75 -2.29 -9.60
CA GLN A 19 14.17 -2.35 -9.33
C GLN A 19 14.78 -3.70 -9.74
N TYR A 20 14.05 -4.78 -9.44
CA TYR A 20 14.54 -6.13 -9.67
C TYR A 20 14.52 -6.49 -11.16
N SER A 21 15.35 -7.46 -11.53
CA SER A 21 15.43 -7.88 -12.93
C SER A 21 16.01 -9.29 -13.07
N PHE A 22 15.55 -10.00 -14.09
CA PHE A 22 16.06 -11.34 -14.38
C PHE A 22 16.05 -11.57 -15.90
N ASN A 23 16.57 -12.71 -16.33
CA ASN A 23 16.63 -12.99 -17.76
C ASN A 23 16.02 -14.33 -18.17
N VAL A 24 15.21 -14.31 -19.20
CA VAL A 24 14.60 -15.52 -19.74
C VAL A 24 15.38 -15.95 -20.98
N LYS A 25 15.27 -17.22 -21.33
CA LYS A 25 15.96 -17.77 -22.49
C LYS A 25 15.00 -17.82 -23.68
N GLU A 26 15.56 -17.83 -24.88
CA GLU A 26 14.77 -17.99 -26.09
C GLU A 26 14.16 -19.39 -26.10
N ASN A 27 12.86 -19.48 -26.33
CA ASN A 27 12.13 -20.74 -26.24
C ASN A 27 12.25 -21.35 -24.84
N GLN A 28 11.89 -20.57 -23.82
CA GLN A 28 11.93 -21.03 -22.44
C GLN A 28 10.58 -20.88 -21.76
N PRO A 29 10.14 -21.93 -21.04
CA PRO A 29 8.83 -21.96 -20.38
C PRO A 29 8.66 -20.84 -19.35
N PHE A 30 7.81 -19.88 -19.68
CA PHE A 30 7.54 -18.74 -18.80
C PHE A 30 6.14 -18.21 -19.08
N HIS A 31 5.38 -17.95 -18.02
CA HIS A 31 3.99 -17.53 -18.17
C HIS A 31 3.69 -16.18 -17.51
N GLY A 32 4.66 -15.64 -16.78
CA GLY A 32 4.49 -14.33 -16.17
C GLY A 32 5.12 -14.15 -14.80
N ILE A 33 4.75 -13.06 -14.14
CA ILE A 33 5.26 -12.76 -12.81
C ILE A 33 4.12 -12.69 -11.80
N LYS A 34 4.14 -13.62 -10.85
CA LYS A 34 3.06 -13.70 -9.86
C LYS A 34 3.41 -13.00 -8.56
N ASP A 35 2.42 -12.87 -7.68
CA ASP A 35 2.60 -12.28 -6.35
C ASP A 35 3.17 -10.86 -6.39
N ILE A 36 2.67 -10.04 -7.31
CA ILE A 36 3.09 -8.65 -7.40
C ILE A 36 2.41 -7.81 -6.33
N PRO A 37 3.21 -7.09 -5.52
CA PRO A 37 2.72 -6.31 -4.39
C PRO A 37 1.79 -5.17 -4.81
N ILE A 38 0.68 -5.02 -4.11
CA ILE A 38 -0.29 -3.97 -4.40
C ILE A 38 0.31 -2.60 -4.13
N GLY A 39 0.89 -2.00 -5.17
CA GLY A 39 1.48 -0.69 -5.06
C GLY A 39 0.66 0.34 -5.81
N HIS A 40 1.27 1.49 -6.09
CA HIS A 40 0.59 2.55 -6.82
C HIS A 40 1.12 2.67 -8.24
N VAL A 41 2.44 2.52 -8.41
CA VAL A 41 3.06 2.60 -9.72
C VAL A 41 4.17 1.56 -9.88
N HIS A 42 4.08 0.75 -10.92
CA HIS A 42 5.09 -0.25 -11.22
C HIS A 42 5.60 -0.10 -12.65
N VAL A 43 6.72 -0.75 -12.93
CA VAL A 43 7.29 -0.71 -14.27
C VAL A 43 7.98 -2.02 -14.62
N ILE A 44 7.63 -2.55 -15.79
CA ILE A 44 8.24 -3.78 -16.27
C ILE A 44 9.00 -3.53 -17.57
N HIS A 45 10.29 -3.83 -17.56
CA HIS A 45 11.17 -3.53 -18.69
C HIS A 45 11.72 -4.77 -19.37
N PHE A 46 12.31 -4.57 -20.54
CA PHE A 46 12.87 -5.67 -21.31
C PHE A 46 14.21 -5.28 -21.93
N GLN A 47 15.13 -6.24 -22.04
CA GLN A 47 16.43 -6.00 -22.64
C GLN A 47 16.90 -7.24 -23.40
N HIS A 48 16.87 -7.15 -24.74
CA HIS A 48 17.26 -8.27 -25.58
C HIS A 48 18.75 -8.59 -25.43
N ALA A 49 19.11 -9.85 -25.62
CA ALA A 49 20.50 -10.27 -25.53
C ALA A 49 21.30 -9.74 -26.71
N ASP A 50 20.62 -9.48 -27.81
CA ASP A 50 21.25 -8.95 -29.01
C ASP A 50 21.63 -7.50 -28.80
N ASN A 51 20.63 -6.69 -28.44
CA ASN A 51 20.81 -5.26 -28.25
C ASN A 51 20.87 -4.90 -26.77
N SER A 52 22.07 -4.67 -26.27
CA SER A 52 22.26 -4.35 -24.85
C SER A 52 22.32 -2.85 -24.59
N SER A 53 21.67 -2.08 -25.46
CA SER A 53 21.68 -0.63 -25.34
C SER A 53 20.28 -0.06 -25.14
N MET A 54 19.33 -0.52 -25.96
CA MET A 54 17.96 -0.01 -25.90
C MET A 54 17.11 -0.84 -24.93
N ARG A 55 16.55 -0.17 -23.93
CA ARG A 55 15.68 -0.84 -22.98
C ARG A 55 14.28 -0.24 -22.99
N TYR A 56 13.28 -1.08 -23.27
CA TYR A 56 11.91 -0.62 -23.34
C TYR A 56 11.07 -1.23 -22.22
N GLY A 57 10.14 -0.43 -21.69
CA GLY A 57 9.31 -0.85 -20.58
C GLY A 57 7.94 -0.20 -20.56
N TYR A 58 7.14 -0.54 -19.55
CA TYR A 58 5.77 -0.04 -19.46
C TYR A 58 5.38 0.34 -18.03
N TRP A 59 5.17 1.64 -17.81
CA TRP A 59 4.67 2.11 -16.51
C TRP A 59 3.19 1.83 -16.41
N PHE A 60 2.77 1.26 -15.28
CA PHE A 60 1.38 0.85 -15.12
C PHE A 60 0.97 0.76 -13.65
N ASP A 61 -0.30 0.42 -13.44
CA ASP A 61 -0.84 0.21 -12.10
C ASP A 61 -1.86 -0.92 -12.14
N CYS A 62 -1.63 -1.95 -11.32
CA CYS A 62 -2.50 -3.12 -11.30
C CYS A 62 -3.89 -2.81 -10.78
N ARG A 63 -4.01 -1.69 -10.06
CA ARG A 63 -5.27 -1.32 -9.44
C ARG A 63 -6.29 -0.80 -10.45
N MET A 64 -5.78 -0.29 -11.58
CA MET A 64 -6.66 0.30 -12.59
C MET A 64 -6.77 -0.57 -13.83
N GLY A 65 -6.68 -1.88 -13.66
CA GLY A 65 -6.87 -2.80 -14.77
C GLY A 65 -6.00 -4.04 -14.72
N ASN A 66 -6.38 -5.05 -15.49
CA ASN A 66 -5.62 -6.28 -15.60
C ASN A 66 -4.74 -6.25 -16.85
N PHE A 67 -3.43 -6.33 -16.65
CA PHE A 67 -2.50 -6.21 -17.77
C PHE A 67 -1.64 -7.46 -17.96
N TYR A 68 -1.35 -7.77 -19.21
CA TYR A 68 -0.53 -8.93 -19.56
C TYR A 68 0.50 -8.58 -20.63
N ILE A 69 1.43 -9.49 -20.87
CA ILE A 69 2.46 -9.27 -21.86
C ILE A 69 2.40 -10.31 -22.98
N GLN A 70 2.27 -9.83 -24.22
CA GLN A 70 2.25 -10.71 -25.38
C GLN A 70 3.21 -10.22 -26.45
N TYR A 71 4.05 -11.12 -26.93
CA TYR A 71 5.07 -10.76 -27.92
C TYR A 71 4.45 -10.49 -29.28
N ASP A 72 5.01 -9.50 -29.98
CA ASP A 72 4.54 -9.17 -31.32
C ASP A 72 5.65 -9.43 -32.34
N PRO A 73 5.39 -10.32 -33.30
CA PRO A 73 6.38 -10.72 -34.30
C PRO A 73 6.70 -9.61 -35.30
N LYS A 74 5.77 -8.67 -35.49
CA LYS A 74 5.95 -7.60 -36.46
C LYS A 74 6.91 -6.53 -35.94
N ASP A 75 6.69 -6.07 -34.72
CA ASP A 75 7.53 -5.04 -34.13
C ASP A 75 8.77 -5.64 -33.47
N GLY A 76 8.68 -6.92 -33.11
CA GLY A 76 9.78 -7.62 -32.47
C GLY A 76 9.97 -7.19 -31.02
N LEU A 77 8.91 -6.67 -30.43
CA LEU A 77 8.97 -6.20 -29.04
C LEU A 77 7.87 -6.85 -28.19
N TYR A 78 8.15 -7.01 -26.90
CA TYR A 78 7.14 -7.49 -25.96
C TYR A 78 6.16 -6.37 -25.65
N LYS A 79 4.90 -6.57 -26.00
CA LYS A 79 3.89 -5.56 -25.80
C LYS A 79 3.05 -5.82 -24.56
N MET A 80 2.67 -4.73 -23.87
CA MET A 80 1.71 -4.83 -22.80
C MET A 80 0.33 -4.48 -23.34
N MET A 81 -0.68 -5.24 -22.92
CA MET A 81 -2.05 -4.98 -23.34
C MET A 81 -3.03 -5.21 -22.18
N GLU A 82 -4.10 -4.43 -22.15
CA GLU A 82 -5.09 -4.55 -21.09
C GLU A 82 -6.18 -5.55 -21.45
N GLU A 83 -6.48 -6.44 -20.52
CA GLU A 83 -7.56 -7.41 -20.71
C GLU A 83 -8.86 -6.86 -20.16
N ARG A 84 -9.78 -6.50 -21.05
CA ARG A 84 -11.05 -5.94 -20.66
C ARG A 84 -11.99 -7.02 -20.10
N ASP A 85 -11.96 -8.20 -20.71
CA ASP A 85 -12.75 -9.32 -20.23
C ASP A 85 -12.12 -9.91 -18.97
N GLY A 86 -12.59 -9.46 -17.81
CA GLY A 86 -12.05 -9.89 -16.53
C GLY A 86 -12.21 -11.38 -16.27
N ALA A 87 -13.35 -11.93 -16.65
CA ALA A 87 -13.64 -13.34 -16.44
C ALA A 87 -12.63 -14.24 -17.14
N LYS A 88 -12.14 -13.78 -18.29
CA LYS A 88 -11.15 -14.52 -19.05
C LYS A 88 -9.76 -14.41 -18.43
N PHE A 89 -9.49 -13.26 -17.80
CA PHE A 89 -8.17 -12.97 -17.24
C PHE A 89 -7.88 -13.86 -16.02
N GLU A 90 -8.83 -13.93 -15.10
CA GLU A 90 -8.65 -14.69 -13.87
C GLU A 90 -8.57 -16.20 -14.13
N ASN A 91 -9.20 -16.65 -15.21
CA ASN A 91 -9.16 -18.07 -15.55
C ASN A 91 -7.79 -18.45 -16.09
N ILE A 92 -7.10 -17.49 -16.69
CA ILE A 92 -5.76 -17.71 -17.22
C ILE A 92 -4.73 -17.63 -16.09
N VAL A 93 -4.93 -16.69 -15.18
CA VAL A 93 -3.99 -16.47 -14.09
C VAL A 93 -4.12 -17.50 -12.98
N HIS A 94 -5.32 -17.65 -12.44
CA HIS A 94 -5.55 -18.50 -11.28
C HIS A 94 -5.58 -20.00 -11.61
N ASN A 95 -5.33 -20.35 -12.86
CA ASN A 95 -5.20 -21.75 -13.24
C ASN A 95 -3.94 -22.31 -12.60
N PHE A 96 -3.98 -23.58 -12.19
CA PHE A 96 -2.90 -24.16 -11.40
C PHE A 96 -1.67 -24.50 -12.23
N LYS A 97 -1.88 -24.99 -13.44
CA LYS A 97 -0.81 -25.58 -14.24
C LYS A 97 0.32 -24.62 -14.62
N GLU A 98 -0.02 -23.36 -14.90
CA GLU A 98 0.99 -22.41 -15.38
C GLU A 98 1.49 -21.44 -14.31
N ARG A 99 1.02 -21.61 -13.08
CA ARG A 99 1.48 -20.74 -12.00
C ARG A 99 2.85 -21.16 -11.47
N GLN A 100 3.30 -22.32 -11.89
CA GLN A 100 4.64 -22.80 -11.52
C GLN A 100 5.67 -22.29 -12.51
N MET A 101 5.21 -21.84 -13.67
CA MET A 101 6.08 -21.27 -14.68
C MET A 101 6.27 -19.78 -14.45
N MET A 102 5.70 -19.28 -13.35
CA MET A 102 5.82 -17.87 -13.00
C MET A 102 6.90 -17.63 -11.95
N VAL A 103 7.43 -16.42 -11.94
CA VAL A 103 8.42 -16.01 -10.96
C VAL A 103 7.78 -15.14 -9.89
N SER A 104 7.98 -15.49 -8.63
CA SER A 104 7.38 -14.76 -7.52
C SER A 104 8.15 -13.50 -7.17
N TYR A 105 7.44 -12.38 -7.05
CA TYR A 105 8.04 -11.12 -6.63
C TYR A 105 8.49 -11.25 -5.18
N PRO A 106 9.78 -10.96 -4.92
CA PRO A 106 10.36 -11.09 -3.57
C PRO A 106 9.64 -10.23 -2.54
N LYS A 107 9.39 -10.80 -1.35
CA LYS A 107 8.75 -10.06 -0.27
C LYS A 107 9.64 -8.91 0.16
N ILE A 108 9.15 -7.68 -0.06
CA ILE A 108 9.93 -6.48 0.24
C ILE A 108 10.24 -6.38 1.73
N ASP A 109 9.29 -6.80 2.55
CA ASP A 109 9.46 -6.86 4.01
C ASP A 109 9.85 -5.51 4.62
N GLU A 110 10.98 -5.48 5.32
CA GLU A 110 11.45 -4.27 6.00
C GLU A 110 12.02 -3.26 5.01
N ASP A 111 12.46 -3.76 3.86
CA ASP A 111 13.00 -2.89 2.81
C ASP A 111 11.91 -1.99 2.25
N ASP A 112 12.26 -0.74 1.96
CA ASP A 112 11.31 0.21 1.40
C ASP A 112 11.94 0.94 0.22
N THR A 113 12.76 0.23 -0.54
CA THR A 113 13.51 0.84 -1.63
C THR A 113 12.62 1.44 -2.71
N TRP A 114 11.71 0.63 -3.23
CA TRP A 114 10.88 1.05 -4.36
C TRP A 114 9.88 2.14 -4.00
N TYR A 115 9.41 2.15 -2.76
CA TYR A 115 8.46 3.16 -2.34
C TYR A 115 9.14 4.53 -2.20
N ASN A 116 10.35 4.53 -1.65
CA ASN A 116 11.11 5.77 -1.47
C ASN A 116 11.53 6.42 -2.78
N LEU A 117 11.45 5.65 -3.86
CA LEU A 117 11.82 6.16 -5.18
C LEU A 117 10.59 6.56 -5.98
N THR A 118 9.43 6.02 -5.61
CA THR A 118 8.21 6.29 -6.35
C THR A 118 7.10 6.82 -5.44
N GLU A 119 7.49 7.54 -4.39
CA GLU A 119 6.54 8.03 -3.41
C GLU A 119 5.57 9.05 -3.99
N PHE A 120 6.03 9.88 -4.92
CA PHE A 120 5.20 10.93 -5.49
C PHE A 120 4.89 10.71 -6.97
N VAL A 121 5.29 9.54 -7.48
CA VAL A 121 5.03 9.20 -8.87
C VAL A 121 3.65 8.57 -9.03
N GLN A 122 2.81 9.16 -9.87
CA GLN A 122 1.46 8.65 -10.11
C GLN A 122 1.17 8.54 -11.59
N MET A 123 0.25 7.64 -11.95
CA MET A 123 -0.06 7.39 -13.36
C MET A 123 -0.67 8.58 -14.09
N ASP A 124 -1.54 9.31 -13.41
CA ASP A 124 -2.18 10.47 -14.02
C ASP A 124 -1.15 11.58 -14.33
N LYS A 125 -0.01 11.51 -13.67
CA LYS A 125 1.09 12.43 -13.94
C LYS A 125 1.94 11.91 -15.10
N ILE A 126 2.22 10.61 -15.08
CA ILE A 126 3.01 9.96 -16.11
C ILE A 126 2.31 10.08 -17.46
N ARG A 127 0.99 9.93 -17.44
CA ARG A 127 0.19 10.03 -18.65
C ARG A 127 0.32 11.42 -19.27
N LYS A 128 0.56 12.41 -18.43
CA LYS A 128 0.72 13.78 -18.90
C LYS A 128 2.14 14.05 -19.39
N ILE A 129 3.08 13.21 -18.98
CA ILE A 129 4.46 13.32 -19.45
C ILE A 129 4.66 12.46 -20.70
N VAL A 130 4.31 11.20 -20.59
CA VAL A 130 4.37 10.30 -21.74
C VAL A 130 3.02 10.33 -22.46
N ARG A 131 2.97 11.10 -23.54
CA ARG A 131 1.72 11.41 -24.22
C ARG A 131 1.06 10.20 -24.88
N LYS A 132 0.06 9.65 -24.20
CA LYS A 132 -0.82 8.64 -24.77
C LYS A 132 -2.09 8.53 -23.93
N ASP A 133 -3.22 8.31 -24.59
CA ASP A 133 -4.50 8.25 -23.90
C ASP A 133 -5.28 7.01 -24.28
N GLU A 134 -4.81 6.33 -25.31
CA GLU A 134 -5.49 5.13 -25.81
C GLU A 134 -5.27 3.96 -24.85
N ASN A 135 -4.20 4.04 -24.06
CA ASN A 135 -3.89 2.99 -23.10
C ASN A 135 -3.79 3.51 -21.67
N GLN A 136 -3.95 2.61 -20.71
CA GLN A 136 -3.87 2.95 -19.30
C GLN A 136 -2.43 2.87 -18.81
N PHE A 137 -1.57 2.31 -19.65
CA PHE A 137 -0.14 2.22 -19.34
C PHE A 137 0.65 3.22 -20.18
N SER A 138 1.97 3.20 -20.07
CA SER A 138 2.81 4.15 -20.79
C SER A 138 4.15 3.55 -21.21
N TYR A 139 4.41 3.58 -22.52
CA TYR A 139 5.63 3.02 -23.08
C TYR A 139 6.78 4.04 -23.09
N VAL A 140 7.86 3.70 -22.40
CA VAL A 140 9.02 4.58 -22.34
C VAL A 140 10.25 3.83 -22.80
N ASP A 141 10.93 4.39 -23.79
CA ASP A 141 12.08 3.72 -24.39
C ASP A 141 13.38 4.44 -24.06
N SER A 142 14.49 3.71 -24.14
CA SER A 142 15.81 4.25 -23.87
C SER A 142 16.22 5.31 -24.89
N SER A 143 15.72 5.17 -26.10
CA SER A 143 16.12 6.05 -27.20
C SER A 143 15.21 7.26 -27.34
N MET A 144 14.19 7.34 -26.49
CA MET A 144 13.22 8.42 -26.56
C MET A 144 13.83 9.77 -26.19
N THR A 145 13.49 10.80 -26.95
CA THR A 145 13.96 12.14 -26.68
C THR A 145 12.91 12.93 -25.91
N THR A 146 13.29 14.11 -25.43
CA THR A 146 12.35 14.97 -24.72
C THR A 146 11.93 16.13 -25.60
N VAL A 147 10.86 16.81 -25.20
CA VAL A 147 10.34 17.94 -25.97
C VAL A 147 11.37 19.08 -26.03
N GLN A 148 12.08 19.30 -24.93
CA GLN A 148 13.12 20.31 -24.87
C GLN A 148 14.30 19.92 -25.75
N GLU A 149 14.56 18.62 -25.83
CA GLU A 149 15.69 18.11 -26.60
C GLU A 149 15.41 18.18 -28.10
N ASN A 150 14.14 18.04 -28.47
CA ASN A 150 13.74 18.09 -29.88
C ASN A 150 13.75 19.49 -30.46
N GLU A 151 13.28 20.46 -29.68
CA GLU A 151 13.26 21.85 -30.12
C GLU A 151 14.66 22.43 -30.17
N LEU A 152 15.56 21.87 -29.35
CA LEU A 152 16.96 22.26 -29.36
C LEU A 152 17.59 21.80 -30.67
N SER A 153 17.27 20.58 -31.08
CA SER A 153 17.78 20.01 -32.33
C SER A 153 17.12 20.68 -33.52
N SER A 154 17.82 20.71 -34.65
CA SER A 154 17.26 21.26 -35.88
C SER A 154 16.13 20.35 -36.35
N SER A 155 16.25 19.06 -36.06
CA SER A 155 15.19 18.11 -36.36
C SER A 155 14.05 18.27 -35.36
N SER A 156 12.98 17.51 -35.55
CA SER A 156 11.83 17.59 -34.66
C SER A 156 11.16 16.23 -34.50
N SER A 157 10.45 16.06 -33.39
CA SER A 157 9.74 14.82 -33.12
C SER A 157 8.36 15.11 -32.55
N ASP A 158 7.42 14.20 -32.78
CA ASP A 158 6.07 14.36 -32.27
C ASP A 158 6.05 14.28 -30.75
N PRO A 159 5.19 15.09 -30.11
CA PRO A 159 5.07 15.12 -28.64
C PRO A 159 4.64 13.78 -28.06
N ALA A 160 4.07 12.91 -28.89
CA ALA A 160 3.63 11.59 -28.46
C ALA A 160 4.82 10.68 -28.15
N HIS A 161 5.82 10.72 -29.02
CA HIS A 161 7.03 9.91 -28.84
C HIS A 161 8.12 10.69 -28.10
N SER A 162 7.77 11.89 -27.67
CA SER A 162 8.71 12.73 -26.95
C SER A 162 8.32 12.84 -25.47
N LEU A 163 9.31 12.77 -24.60
CA LEU A 163 9.06 12.88 -23.17
C LEU A 163 8.77 14.34 -22.79
N ASN A 164 7.49 14.63 -22.57
CA ASN A 164 7.07 15.99 -22.26
C ASN A 164 7.36 16.38 -20.80
N TYR A 165 8.64 16.46 -20.46
CA TYR A 165 9.04 16.94 -19.16
C TYR A 165 8.83 18.45 -19.07
N THR A 166 8.82 18.99 -17.86
CA THR A 166 8.67 20.43 -17.67
C THR A 166 9.97 21.14 -18.03
N VAL A 167 9.93 21.92 -19.10
CA VAL A 167 11.12 22.59 -19.60
C VAL A 167 11.60 23.69 -18.67
N ILE A 168 12.84 23.57 -18.21
CA ILE A 168 13.43 24.54 -17.31
C ILE A 168 14.67 25.18 -17.92
N ASN A 169 14.72 26.50 -17.94
CA ASN A 169 15.83 27.22 -18.55
C ASN A 169 16.62 28.08 -17.57
N PHE A 170 17.90 28.24 -17.83
CA PHE A 170 18.77 29.08 -17.00
C PHE A 170 19.62 29.99 -17.86
N LYS A 171 19.13 31.22 -18.08
CA LYS A 171 19.83 32.19 -18.91
C LYS A 171 20.11 33.49 -18.15
N SER A 172 21.02 34.30 -18.70
CA SER A 172 21.44 35.56 -18.11
C SER A 172 21.91 35.42 -16.67
N ASP A 187 13.93 39.19 -22.09
CA ASP A 187 12.66 39.87 -21.89
C ASP A 187 11.65 38.93 -21.22
N LYS A 188 10.82 38.28 -22.04
CA LYS A 188 9.81 37.36 -21.55
C LYS A 188 10.41 36.08 -20.99
N SER A 189 9.56 35.24 -20.39
CA SER A 189 9.94 33.93 -19.88
C SER A 189 10.95 33.96 -18.73
N TYR A 190 11.20 35.15 -18.19
CA TYR A 190 12.10 35.31 -17.05
C TYR A 190 11.31 35.16 -15.75
N TYR A 191 10.06 35.62 -15.78
CA TYR A 191 9.17 35.56 -14.62
C TYR A 191 8.63 34.16 -14.44
N LEU A 192 8.96 33.26 -15.36
CA LEU A 192 8.42 31.91 -15.37
C LEU A 192 8.94 31.08 -14.20
N ASN A 193 10.24 31.17 -13.95
CA ASN A 193 10.88 30.37 -12.90
C ASN A 193 10.39 30.73 -11.49
N THR A 194 10.28 32.03 -11.21
CA THR A 194 9.90 32.47 -9.87
C THR A 194 8.46 32.03 -9.52
N VAL A 195 7.61 31.91 -10.54
CA VAL A 195 6.24 31.43 -10.32
C VAL A 195 6.22 29.93 -9.98
N MET A 196 7.11 29.17 -10.62
CA MET A 196 7.25 27.74 -10.30
C MET A 196 7.72 27.55 -8.87
N LEU A 197 8.80 28.24 -8.51
CA LEU A 197 9.39 28.11 -7.17
C LEU A 197 8.37 28.40 -6.08
N GLN A 198 7.56 29.43 -6.28
CA GLN A 198 6.55 29.78 -5.30
C GLN A 198 5.49 28.69 -5.23
N GLY A 199 5.09 28.20 -6.40
CA GLY A 199 4.11 27.13 -6.48
C GLY A 199 4.62 25.84 -5.87
N ILE A 200 5.91 25.56 -6.07
CA ILE A 200 6.53 24.37 -5.49
C ILE A 200 6.53 24.44 -3.97
N PHE A 201 6.78 25.63 -3.43
CA PHE A 201 6.91 25.82 -1.99
C PHE A 201 5.67 25.42 -1.20
N LYS A 202 4.57 25.19 -1.89
CA LYS A 202 3.38 24.62 -1.27
C LYS A 202 2.82 23.51 -2.16
N ASN A 203 2.61 22.33 -1.58
CA ASN A 203 2.06 21.19 -2.33
C ASN A 203 2.93 20.84 -3.54
N SER A 204 4.17 20.48 -3.27
CA SER A 204 5.13 20.10 -4.33
C SER A 204 5.09 18.60 -4.61
N SER A 205 3.93 18.09 -5.02
CA SER A 205 3.81 16.70 -5.39
C SER A 205 4.23 16.52 -6.85
N ASN A 206 3.84 17.47 -7.69
CA ASN A 206 4.18 17.42 -9.11
C ASN A 206 5.68 17.54 -9.33
N TYR A 207 6.33 18.35 -8.49
CA TYR A 207 7.77 18.50 -8.59
C TYR A 207 8.49 17.22 -8.17
N PHE A 208 8.24 16.77 -6.94
CA PHE A 208 8.84 15.54 -6.44
C PHE A 208 8.54 14.36 -7.36
N GLY A 209 7.30 14.30 -7.84
CA GLY A 209 6.86 13.25 -8.74
C GLY A 209 7.66 13.26 -10.03
N GLU A 210 7.82 14.45 -10.61
CA GLU A 210 8.54 14.56 -11.87
C GLU A 210 10.03 14.32 -11.67
N LEU A 211 10.54 14.78 -10.53
CA LEU A 211 11.94 14.57 -10.19
C LEU A 211 12.25 13.09 -10.14
N GLN A 212 11.46 12.34 -9.36
CA GLN A 212 11.64 10.91 -9.21
C GLN A 212 11.47 10.17 -10.54
N PHE A 213 10.39 10.47 -11.25
CA PHE A 213 10.08 9.82 -12.51
C PHE A 213 11.15 10.07 -13.57
N ALA A 214 11.74 11.27 -13.56
CA ALA A 214 12.80 11.61 -14.51
C ALA A 214 14.07 10.88 -14.13
N PHE A 215 14.26 10.65 -12.83
CA PHE A 215 15.40 9.90 -12.35
C PHE A 215 15.29 8.43 -12.72
N LEU A 216 14.09 7.87 -12.58
CA LEU A 216 13.87 6.45 -12.83
C LEU A 216 14.10 6.10 -14.29
N ASN A 217 13.60 6.94 -15.20
CA ASN A 217 13.80 6.73 -16.63
C ASN A 217 15.27 6.83 -17.01
N ALA A 218 16.00 7.70 -16.32
CA ALA A 218 17.41 7.91 -16.60
C ALA A 218 18.25 6.76 -16.05
N MET A 219 17.85 6.25 -14.89
CA MET A 219 18.60 5.19 -14.22
C MET A 219 18.42 3.84 -14.89
N PHE A 220 17.19 3.37 -14.96
CA PHE A 220 16.91 2.03 -15.45
C PHE A 220 16.91 1.94 -16.97
N PHE A 221 16.17 2.84 -17.61
CA PHE A 221 16.11 2.84 -19.07
C PHE A 221 17.37 3.40 -19.71
N GLY A 222 18.08 4.25 -18.99
CA GLY A 222 19.29 4.87 -19.50
C GLY A 222 18.97 6.04 -20.41
N ASN A 223 17.80 6.63 -20.20
CA ASN A 223 17.33 7.76 -20.98
C ASN A 223 18.15 9.02 -20.69
N TYR A 224 18.96 9.42 -21.65
CA TYR A 224 19.85 10.57 -21.49
C TYR A 224 19.09 11.86 -21.23
N GLY A 225 18.01 12.06 -21.96
CA GLY A 225 17.16 13.22 -21.76
C GLY A 225 16.59 13.28 -20.35
N SER A 226 16.27 12.11 -19.80
CA SER A 226 15.76 12.03 -18.44
C SER A 226 16.85 12.35 -17.42
N SER A 227 18.10 12.10 -17.82
CA SER A 227 19.23 12.42 -16.98
C SER A 227 19.44 13.92 -16.89
N LEU A 228 19.24 14.61 -18.00
CA LEU A 228 19.37 16.07 -18.04
C LEU A 228 18.25 16.73 -17.26
N GLN A 229 17.03 16.22 -17.43
CA GLN A 229 15.86 16.77 -16.74
C GLN A 229 16.02 16.66 -15.23
N TRP A 230 16.53 15.53 -14.78
CA TRP A 230 16.75 15.29 -13.36
C TRP A 230 17.72 16.33 -12.80
N HIS A 231 18.76 16.63 -13.57
CA HIS A 231 19.75 17.62 -13.15
C HIS A 231 19.17 19.04 -13.19
N ALA A 232 18.32 19.29 -14.17
CA ALA A 232 17.70 20.61 -14.33
C ALA A 232 16.72 20.92 -13.20
N MET A 233 16.14 19.87 -12.63
CA MET A 233 15.20 20.05 -11.54
C MET A 233 15.94 20.17 -10.21
N ILE A 234 17.05 19.44 -10.09
CA ILE A 234 17.91 19.58 -8.92
C ILE A 234 18.51 20.98 -8.88
N GLU A 235 18.95 21.45 -10.05
CA GLU A 235 19.57 22.77 -10.14
C GLU A 235 18.56 23.87 -9.86
N LEU A 236 17.30 23.58 -10.14
CA LEU A 236 16.23 24.56 -9.94
C LEU A 236 16.10 24.96 -8.47
N ILE A 237 16.30 24.00 -7.57
CA ILE A 237 16.19 24.27 -6.14
C ILE A 237 17.54 24.62 -5.54
N CYS A 238 18.58 23.89 -5.95
CA CYS A 238 19.92 24.13 -5.44
C CYS A 238 20.44 25.54 -5.77
N SER A 239 19.72 26.24 -6.65
CA SER A 239 20.09 27.60 -7.02
C SER A 239 19.42 28.61 -6.09
N GLU A 240 18.88 28.12 -4.99
CA GLU A 240 18.20 28.97 -4.01
C GLU A 240 18.96 29.01 -2.70
N ALA A 241 19.36 30.21 -2.28
CA ALA A 241 20.09 30.39 -1.03
C ALA A 241 19.20 30.04 0.16
N THR A 242 17.95 30.48 0.09
CA THR A 242 16.99 30.21 1.15
C THR A 242 15.71 29.58 0.60
N VAL A 243 15.51 28.32 0.95
CA VAL A 243 14.33 27.56 0.54
C VAL A 243 13.72 26.90 1.77
N PRO A 244 12.38 26.94 1.90
CA PRO A 244 11.61 26.39 3.02
C PRO A 244 12.14 25.04 3.54
N LYS A 245 12.19 24.92 4.86
CA LYS A 245 12.78 23.75 5.50
C LYS A 245 11.98 22.49 5.23
N HIS A 246 10.65 22.63 5.18
CA HIS A 246 9.77 21.49 4.90
C HIS A 246 10.10 20.87 3.55
N MET A 247 10.56 21.70 2.62
CA MET A 247 10.93 21.24 1.29
C MET A 247 12.21 20.43 1.34
N LEU A 248 13.19 20.92 2.10
CA LEU A 248 14.52 20.31 2.13
C LEU A 248 14.52 18.97 2.86
N ASP A 249 13.77 18.89 3.94
CA ASP A 249 13.71 17.66 4.73
C ASP A 249 13.22 16.49 3.91
N LYS A 250 12.33 16.75 2.96
CA LYS A 250 11.83 15.70 2.07
C LYS A 250 12.76 15.51 0.88
N LEU A 251 13.21 16.62 0.31
CA LEU A 251 14.11 16.59 -0.85
C LEU A 251 15.40 15.85 -0.56
N ASP A 252 16.03 16.20 0.56
CA ASP A 252 17.24 15.53 1.02
C ASP A 252 17.01 14.02 1.12
N GLU A 253 15.88 13.64 1.70
CA GLU A 253 15.56 12.22 1.85
C GLU A 253 15.34 11.56 0.50
N ILE A 254 14.62 12.26 -0.39
CA ILE A 254 14.37 11.73 -1.73
C ILE A 254 15.67 11.56 -2.51
N LEU A 255 16.53 12.57 -2.44
CA LEU A 255 17.80 12.53 -3.16
C LEU A 255 18.73 11.47 -2.55
N TYR A 256 18.53 11.15 -1.28
CA TYR A 256 19.34 10.15 -0.61
C TYR A 256 19.15 8.77 -1.23
N TYR A 257 17.91 8.32 -1.28
CA TYR A 257 17.60 6.98 -1.81
C TYR A 257 17.94 6.86 -3.29
N GLN A 258 17.93 7.98 -4.00
CA GLN A 258 18.27 7.97 -5.42
C GLN A 258 19.77 7.73 -5.61
N ILE A 259 20.58 8.48 -4.86
CA ILE A 259 22.04 8.30 -4.91
C ILE A 259 22.43 6.92 -4.37
N LYS A 260 21.62 6.41 -3.44
CA LYS A 260 21.88 5.12 -2.81
C LYS A 260 21.82 3.96 -3.81
N THR A 261 21.02 4.12 -4.86
CA THR A 261 20.88 3.08 -5.87
C THR A 261 21.92 3.20 -6.98
N LEU A 262 22.59 4.35 -7.05
CA LEU A 262 23.63 4.58 -8.04
C LEU A 262 24.85 3.69 -7.77
N PRO A 263 25.48 3.17 -8.83
CA PRO A 263 26.69 2.34 -8.73
C PRO A 263 27.80 3.04 -7.92
N GLU A 264 28.63 2.27 -7.21
CA GLU A 264 29.67 2.87 -6.37
C GLU A 264 30.70 3.65 -7.19
N GLN A 265 30.97 3.16 -8.39
CA GLN A 265 31.93 3.82 -9.27
C GLN A 265 31.36 5.13 -9.79
N TYR A 266 32.21 6.15 -9.86
CA TYR A 266 31.77 7.46 -10.31
C TYR A 266 31.24 7.41 -11.75
N SER A 267 29.98 7.80 -11.91
CA SER A 267 29.34 7.82 -13.22
C SER A 267 29.27 9.23 -13.79
N ASP A 268 30.27 9.59 -14.58
CA ASP A 268 30.37 10.94 -15.14
C ASP A 268 29.12 11.41 -15.87
N ILE A 269 28.41 10.48 -16.50
CA ILE A 269 27.26 10.81 -17.33
C ILE A 269 25.95 10.96 -16.53
N LEU A 270 25.70 10.03 -15.62
CA LEU A 270 24.45 9.99 -14.89
C LEU A 270 24.28 11.15 -13.92
N LEU A 271 25.35 11.55 -13.24
CA LEU A 271 25.28 12.71 -12.37
C LEU A 271 26.20 13.87 -12.79
N ASN A 272 25.73 15.09 -12.56
CA ASN A 272 26.46 16.28 -12.99
C ASN A 272 27.26 16.89 -11.84
N GLU A 273 28.54 17.10 -12.08
CA GLU A 273 29.44 17.66 -11.07
C GLU A 273 29.21 19.15 -10.88
N ARG A 274 28.93 19.86 -11.97
CA ARG A 274 28.69 21.30 -11.91
C ARG A 274 27.46 21.62 -11.09
N VAL A 275 26.41 20.82 -11.27
CA VAL A 275 25.16 21.02 -10.55
C VAL A 275 25.33 20.68 -9.07
N TRP A 276 26.04 19.59 -8.79
CA TRP A 276 26.23 19.16 -7.42
C TRP A 276 27.01 20.18 -6.58
N ASN A 277 27.94 20.87 -7.22
CA ASN A 277 28.74 21.87 -6.52
C ASN A 277 27.93 23.08 -6.06
N ILE A 278 26.83 23.36 -6.75
CA ILE A 278 25.99 24.49 -6.35
C ILE A 278 25.02 24.08 -5.24
N CYS A 279 24.80 22.78 -5.11
CA CYS A 279 23.98 22.27 -4.01
C CYS A 279 24.74 22.39 -2.70
N LEU A 280 26.06 22.21 -2.76
CA LEU A 280 26.92 22.36 -1.60
C LEU A 280 26.86 23.79 -1.08
N TYR A 281 26.75 24.74 -2.01
CA TYR A 281 26.67 26.15 -1.66
C TYR A 281 25.33 26.46 -1.02
N SER A 282 24.27 25.90 -1.60
CA SER A 282 22.92 26.07 -1.07
C SER A 282 22.80 25.44 0.31
N SER A 283 23.10 24.15 0.39
CA SER A 283 23.03 23.43 1.66
C SER A 283 24.29 23.64 2.48
N PHE A 284 24.28 24.69 3.29
CA PHE A 284 25.41 24.98 4.15
C PHE A 284 24.90 25.59 5.45
N GLN A 285 23.58 25.61 5.60
CA GLN A 285 22.93 26.17 6.78
C GLN A 285 22.52 25.11 7.80
N LYS A 286 22.27 23.89 7.35
CA LYS A 286 21.84 22.80 8.25
C LYS A 286 22.80 21.60 8.44
N ASN A 287 23.33 20.98 7.37
CA ASN A 287 23.16 21.39 5.97
C ASN A 287 21.83 20.94 5.40
N SER A 288 21.25 21.79 4.54
CA SER A 288 19.92 21.55 3.98
C SER A 288 19.79 20.15 3.37
N LEU A 289 20.87 19.66 2.78
CA LEU A 289 20.90 18.31 2.24
C LEU A 289 21.90 17.45 3.01
N HIS A 290 21.62 17.27 4.30
CA HIS A 290 22.53 16.56 5.19
C HIS A 290 22.74 15.10 4.78
N ASN A 291 21.65 14.35 4.68
CA ASN A 291 21.74 12.93 4.36
C ASN A 291 22.26 12.67 2.95
N THR A 292 21.98 13.59 2.04
CA THR A 292 22.44 13.46 0.67
C THR A 292 23.96 13.60 0.58
N GLU A 293 24.49 14.62 1.24
CA GLU A 293 25.92 14.87 1.23
C GLU A 293 26.66 13.75 1.94
N LYS A 294 26.00 13.13 2.91
CA LYS A 294 26.60 12.06 3.68
C LYS A 294 26.93 10.85 2.80
N ILE A 295 25.97 10.41 2.02
CA ILE A 295 26.16 9.23 1.17
C ILE A 295 26.99 9.57 -0.06
N MET A 296 27.09 10.86 -0.37
CA MET A 296 27.89 11.31 -1.51
C MET A 296 29.38 11.20 -1.22
N GLU A 297 29.78 11.60 -0.02
CA GLU A 297 31.18 11.57 0.37
C GLU A 297 31.64 10.16 0.71
N ASN A 298 30.69 9.28 0.97
CA ASN A 298 30.99 7.89 1.28
C ASN A 298 31.07 7.00 0.05
N LYS A 299 30.36 7.40 -1.00
CA LYS A 299 30.35 6.64 -2.25
C LYS A 299 31.28 7.27 -3.28
N TYR A 300 31.37 8.60 -3.26
CA TYR A 300 32.21 9.33 -4.21
C TYR A 300 33.22 10.23 -3.51
N PRO A 301 34.48 9.79 -3.46
CA PRO A 301 35.55 10.54 -2.80
C PRO A 301 36.14 11.64 -3.70
N GLU A 302 35.31 12.25 -4.52
CA GLU A 302 35.78 13.33 -5.40
C GLU A 302 35.96 14.63 -4.66
N LEU A 303 36.52 15.63 -5.35
CA LEU A 303 36.81 16.92 -4.74
C LEU A 303 35.56 17.67 -4.31
N LEU A 304 35.69 18.49 -3.27
CA LEU A 304 34.57 19.26 -2.74
C LEU A 304 34.51 20.61 -3.44
N GLY A 305 33.35 21.28 -3.33
CA GLY A 305 33.17 22.58 -3.94
C GLY A 305 33.72 23.71 -3.09
N MET B 1 3.25 5.86 2.91
CA MET B 1 2.96 6.78 4.00
C MET B 1 1.77 7.66 3.66
N ASN B 2 0.62 7.02 3.44
CA ASN B 2 -0.60 7.74 3.10
C ASN B 2 -1.10 8.61 4.24
N THR B 3 -2.09 9.44 3.95
CA THR B 3 -2.60 10.38 4.93
C THR B 3 -4.11 10.58 4.76
N VAL B 4 -4.84 10.44 5.85
CA VAL B 4 -6.28 10.67 5.84
C VAL B 4 -6.59 12.04 6.45
N PRO B 5 -6.93 13.01 5.59
CA PRO B 5 -7.20 14.38 6.03
C PRO B 5 -8.58 14.56 6.67
N PHE B 6 -8.67 15.49 7.61
CA PHE B 6 -9.93 15.84 8.24
C PHE B 6 -10.36 17.24 7.80
N THR B 7 -11.64 17.39 7.50
CA THR B 7 -12.17 18.69 7.11
C THR B 7 -12.18 19.64 8.31
N SER B 8 -12.72 19.16 9.43
CA SER B 8 -12.78 19.96 10.65
C SER B 8 -12.98 19.09 11.88
N ALA B 9 -13.05 19.72 13.04
CA ALA B 9 -13.29 19.01 14.29
C ALA B 9 -14.23 19.83 15.20
N PRO B 10 -15.52 19.82 14.89
CA PRO B 10 -16.52 20.60 15.62
C PRO B 10 -16.60 20.23 17.09
N ILE B 11 -16.86 18.96 17.39
CA ILE B 11 -17.02 18.52 18.76
C ILE B 11 -15.84 17.67 19.25
N GLU B 12 -15.70 17.59 20.57
CA GLU B 12 -14.63 16.80 21.18
C GLU B 12 -14.90 15.31 20.97
N VAL B 13 -13.91 14.60 20.45
CA VAL B 13 -14.05 13.17 20.20
C VAL B 13 -12.71 12.45 20.26
N THR B 14 -12.67 11.33 20.99
CA THR B 14 -11.45 10.53 21.10
C THR B 14 -11.31 9.64 19.87
N ILE B 15 -10.65 10.16 18.84
CA ILE B 15 -10.45 9.39 17.61
C ILE B 15 -9.20 8.54 17.72
N GLY B 16 -9.13 7.49 16.91
CA GLY B 16 -8.00 6.59 16.97
C GLY B 16 -7.76 5.81 15.68
N ILE B 17 -6.51 5.66 15.32
CA ILE B 17 -6.13 4.94 14.11
C ILE B 17 -5.39 3.64 14.45
N ASP B 18 -5.86 2.54 13.90
CA ASP B 18 -5.30 1.21 14.16
C ASP B 18 -5.16 0.92 15.66
N GLN B 19 -3.94 0.71 16.11
CA GLN B 19 -3.67 0.42 17.51
C GLN B 19 -3.20 1.67 18.25
N TYR B 20 -3.65 2.83 17.78
CA TYR B 20 -3.28 4.10 18.40
C TYR B 20 -4.49 5.02 18.48
N SER B 21 -4.48 5.91 19.47
CA SER B 21 -5.56 6.87 19.64
C SER B 21 -5.06 8.16 20.28
N PHE B 22 -5.92 9.15 20.37
CA PHE B 22 -5.61 10.41 21.01
C PHE B 22 -6.87 11.26 21.22
N ASN B 23 -6.75 12.32 22.02
CA ASN B 23 -7.89 13.17 22.33
C ASN B 23 -7.76 14.56 21.73
N VAL B 24 -8.75 14.95 20.93
CA VAL B 24 -8.82 16.30 20.40
C VAL B 24 -9.89 17.10 21.13
N LYS B 25 -9.70 18.41 21.24
CA LYS B 25 -10.64 19.25 21.96
C LYS B 25 -11.69 19.85 21.03
N GLU B 26 -12.69 20.51 21.62
CA GLU B 26 -13.75 21.13 20.85
C GLU B 26 -13.22 22.28 20.00
N ASN B 27 -13.50 22.22 18.71
CA ASN B 27 -13.00 23.21 17.74
C ASN B 27 -11.48 23.37 17.74
N GLN B 28 -10.77 22.27 17.96
CA GLN B 28 -9.31 22.26 17.91
C GLN B 28 -8.81 22.26 16.47
N PRO B 29 -7.73 23.03 16.20
CA PRO B 29 -7.11 23.05 14.86
C PRO B 29 -6.61 21.67 14.46
N PHE B 30 -7.44 20.93 13.72
CA PHE B 30 -7.08 19.59 13.31
C PHE B 30 -7.26 19.44 11.81
N HIS B 31 -6.43 18.62 11.18
CA HIS B 31 -6.47 18.48 9.73
C HIS B 31 -6.34 17.03 9.23
N GLY B 32 -5.80 16.15 10.07
CA GLY B 32 -5.71 14.75 9.68
C GLY B 32 -4.61 13.94 10.34
N ILE B 33 -4.35 12.76 9.78
CA ILE B 33 -3.33 11.85 10.29
C ILE B 33 -2.31 11.50 9.22
N LYS B 34 -1.09 12.01 9.38
CA LYS B 34 -0.05 11.81 8.38
C LYS B 34 0.85 10.61 8.69
N ASP B 35 1.72 10.29 7.74
CA ASP B 35 2.75 9.26 7.91
C ASP B 35 2.20 7.91 8.33
N ILE B 36 1.09 7.50 7.72
CA ILE B 36 0.49 6.21 8.00
C ILE B 36 1.09 5.13 7.12
N PRO B 37 1.76 4.14 7.73
CA PRO B 37 2.38 3.02 7.01
C PRO B 37 1.39 2.34 6.08
N ILE B 38 1.87 1.92 4.91
CA ILE B 38 1.00 1.37 3.88
C ILE B 38 0.63 -0.09 4.18
N GLY B 39 -0.17 -0.28 5.22
CA GLY B 39 -0.65 -1.60 5.57
C GLY B 39 -1.77 -2.03 4.64
N HIS B 40 -2.04 -3.32 4.59
CA HIS B 40 -3.08 -3.85 3.72
C HIS B 40 -4.47 -3.54 4.27
N VAL B 41 -4.55 -3.30 5.57
CA VAL B 41 -5.81 -3.00 6.24
C VAL B 41 -5.61 -2.00 7.38
N HIS B 42 -6.45 -0.98 7.42
CA HIS B 42 -6.43 0.00 8.50
C HIS B 42 -7.83 0.20 9.07
N VAL B 43 -7.91 0.78 10.27
CA VAL B 43 -9.21 1.08 10.88
C VAL B 43 -9.10 2.33 11.74
N ILE B 44 -10.07 3.22 11.59
CA ILE B 44 -10.13 4.43 12.40
C ILE B 44 -11.47 4.53 13.14
N HIS B 45 -11.40 4.63 14.46
CA HIS B 45 -12.59 4.65 15.30
C HIS B 45 -12.78 5.99 15.99
N PHE B 46 -14.04 6.32 16.29
CA PHE B 46 -14.38 7.56 16.95
C PHE B 46 -15.16 7.32 18.22
N GLN B 47 -14.72 7.93 19.32
CA GLN B 47 -15.41 7.80 20.60
C GLN B 47 -15.70 9.16 21.20
N HIS B 48 -16.99 9.51 21.26
CA HIS B 48 -17.41 10.80 21.79
C HIS B 48 -17.18 10.89 23.30
N ALA B 49 -17.02 12.11 23.79
CA ALA B 49 -16.73 12.35 25.20
C ALA B 49 -17.93 12.05 26.10
N ASP B 50 -19.11 12.43 25.64
CA ASP B 50 -20.34 12.24 26.41
C ASP B 50 -20.73 10.76 26.51
N ASN B 51 -20.53 10.05 25.40
CA ASN B 51 -20.87 8.62 25.35
C ASN B 51 -19.61 7.77 25.23
N SER B 52 -19.17 7.22 26.35
CA SER B 52 -17.98 6.37 26.37
C SER B 52 -18.33 4.91 26.19
N SER B 53 -19.58 4.64 25.85
CA SER B 53 -20.05 3.27 25.63
C SER B 53 -20.26 3.01 24.15
N MET B 54 -20.32 4.08 23.36
CA MET B 54 -20.54 3.97 21.93
C MET B 54 -19.29 4.34 21.15
N ARG B 55 -18.87 3.47 20.22
CA ARG B 55 -17.71 3.74 19.40
C ARG B 55 -17.93 3.22 17.97
N TYR B 56 -17.78 4.10 17.00
CA TYR B 56 -17.97 3.73 15.60
C TYR B 56 -16.67 3.90 14.82
N GLY B 57 -16.42 2.99 13.89
CA GLY B 57 -15.18 3.01 13.12
C GLY B 57 -15.34 2.61 11.66
N TYR B 58 -14.25 2.72 10.92
CA TYR B 58 -14.24 2.43 9.49
C TYR B 58 -13.01 1.62 9.10
N TRP B 59 -13.23 0.44 8.52
CA TRP B 59 -12.15 -0.37 7.99
C TRP B 59 -11.86 0.02 6.55
N PHE B 60 -10.62 0.39 6.26
CA PHE B 60 -10.26 0.84 4.92
C PHE B 60 -8.84 0.42 4.52
N ASP B 61 -8.53 0.57 3.24
CA ASP B 61 -7.19 0.28 2.73
C ASP B 61 -6.68 1.46 1.90
N CYS B 62 -5.59 2.06 2.36
CA CYS B 62 -5.03 3.25 1.70
C CYS B 62 -4.64 2.97 0.25
N ARG B 63 -4.30 1.72 -0.05
CA ARG B 63 -3.89 1.33 -1.39
C ARG B 63 -5.07 1.34 -2.37
N MET B 64 -6.28 1.24 -1.82
CA MET B 64 -7.48 1.14 -2.65
C MET B 64 -8.03 2.51 -3.05
N GLY B 65 -7.33 3.57 -2.67
CA GLY B 65 -7.74 4.91 -3.04
C GLY B 65 -7.51 5.96 -1.97
N ASN B 66 -8.05 7.16 -2.19
CA ASN B 66 -7.92 8.25 -1.24
C ASN B 66 -9.17 8.41 -0.40
N PHE B 67 -8.99 8.42 0.92
CA PHE B 67 -10.11 8.54 1.84
C PHE B 67 -9.92 9.69 2.81
N TYR B 68 -11.03 10.29 3.24
CA TYR B 68 -10.97 11.41 4.17
C TYR B 68 -12.20 11.41 5.08
N ILE B 69 -12.08 12.07 6.23
CA ILE B 69 -13.17 12.13 7.20
C ILE B 69 -13.85 13.50 7.17
N GLN B 70 -15.17 13.50 7.12
CA GLN B 70 -15.94 14.73 7.13
C GLN B 70 -17.11 14.63 8.09
N TYR B 71 -17.16 15.54 9.05
CA TYR B 71 -18.23 15.54 10.05
C TYR B 71 -19.57 15.89 9.42
N ASP B 72 -20.64 15.28 9.94
CA ASP B 72 -21.98 15.53 9.43
C ASP B 72 -22.89 16.06 10.54
N PRO B 73 -23.27 17.35 10.45
CA PRO B 73 -24.11 18.01 11.45
C PRO B 73 -25.47 17.36 11.60
N LYS B 74 -25.97 16.75 10.53
CA LYS B 74 -27.28 16.11 10.56
C LYS B 74 -27.24 14.86 11.45
N ASP B 75 -26.30 13.97 11.16
CA ASP B 75 -26.17 12.72 11.90
C ASP B 75 -25.49 12.97 13.24
N GLY B 76 -24.48 13.84 13.25
CA GLY B 76 -23.73 14.13 14.45
C GLY B 76 -22.52 13.23 14.61
N LEU B 77 -22.25 12.44 13.57
CA LEU B 77 -21.12 11.52 13.58
C LEU B 77 -20.12 11.87 12.48
N TYR B 78 -18.94 11.28 12.55
CA TYR B 78 -17.91 11.50 11.55
C TYR B 78 -17.98 10.47 10.43
N LYS B 79 -18.42 10.91 9.27
CA LYS B 79 -18.57 10.01 8.12
C LYS B 79 -17.32 10.01 7.24
N MET B 80 -16.80 8.83 6.96
CA MET B 80 -15.68 8.69 6.04
C MET B 80 -16.17 8.82 4.60
N MET B 81 -15.42 9.56 3.80
CA MET B 81 -15.77 9.75 2.39
C MET B 81 -14.54 9.51 1.51
N GLU B 82 -14.78 9.08 0.28
CA GLU B 82 -13.68 8.82 -0.65
C GLU B 82 -13.54 9.93 -1.66
N GLU B 83 -12.32 10.42 -1.85
CA GLU B 83 -12.06 11.45 -2.85
C GLU B 83 -11.68 10.81 -4.19
N ARG B 84 -12.56 10.95 -5.17
CA ARG B 84 -12.33 10.35 -6.48
C ARG B 84 -11.28 11.12 -7.28
N ASP B 85 -11.33 12.45 -7.21
CA ASP B 85 -10.39 13.28 -7.93
C ASP B 85 -9.01 13.27 -7.26
N GLY B 86 -8.00 12.82 -8.01
CA GLY B 86 -6.66 12.68 -7.48
C GLY B 86 -5.99 14.01 -7.17
N ALA B 87 -6.01 14.92 -8.14
CA ALA B 87 -5.36 16.22 -7.99
C ALA B 87 -5.98 17.03 -6.85
N LYS B 88 -7.29 16.88 -6.67
CA LYS B 88 -7.99 17.55 -5.57
C LYS B 88 -7.46 17.11 -4.21
N PHE B 89 -7.20 15.81 -4.09
CA PHE B 89 -6.71 15.22 -2.84
C PHE B 89 -5.27 15.64 -2.58
N GLU B 90 -4.47 15.72 -3.65
CA GLU B 90 -3.07 16.08 -3.53
C GLU B 90 -2.88 17.45 -2.90
N ASN B 91 -3.72 18.39 -3.30
CA ASN B 91 -3.60 19.78 -2.84
C ASN B 91 -3.79 19.94 -1.35
N ILE B 92 -4.61 19.08 -0.75
CA ILE B 92 -4.93 19.19 0.67
C ILE B 92 -4.02 18.28 1.49
N VAL B 93 -3.45 17.27 0.83
CA VAL B 93 -2.70 16.24 1.54
C VAL B 93 -1.18 16.48 1.53
N HIS B 94 -0.71 17.32 0.62
CA HIS B 94 0.73 17.56 0.51
C HIS B 94 1.12 19.02 0.72
N ASN B 95 0.15 19.85 1.07
CA ASN B 95 0.42 21.23 1.42
C ASN B 95 0.96 21.32 2.84
N PHE B 96 2.23 21.74 2.97
CA PHE B 96 2.91 21.75 4.27
C PHE B 96 2.21 22.61 5.31
N LYS B 97 1.50 23.63 4.84
CA LYS B 97 0.76 24.51 5.73
C LYS B 97 -0.40 23.75 6.37
N GLU B 98 -0.85 22.69 5.70
CA GLU B 98 -1.94 21.88 6.19
C GLU B 98 -1.47 20.50 6.62
N ARG B 99 -0.17 20.37 6.88
CA ARG B 99 0.39 19.11 7.37
C ARG B 99 0.92 19.26 8.79
N GLN B 100 1.37 20.46 9.13
CA GLN B 100 1.86 20.74 10.47
C GLN B 100 0.70 20.76 11.47
N MET B 101 -0.52 20.77 10.95
CA MET B 101 -1.72 20.75 11.78
C MET B 101 -2.22 19.32 11.92
N MET B 102 -1.59 18.41 11.19
CA MET B 102 -1.93 17.00 11.26
C MET B 102 -1.03 16.28 12.26
N VAL B 103 -1.51 15.15 12.78
CA VAL B 103 -0.74 14.35 13.72
C VAL B 103 -0.04 13.21 13.00
N SER B 104 1.14 12.85 13.49
CA SER B 104 1.96 11.81 12.84
C SER B 104 1.74 10.44 13.46
N TYR B 105 1.57 9.44 12.61
CA TYR B 105 1.43 8.06 13.06
C TYR B 105 2.72 7.60 13.72
N PRO B 106 2.64 7.19 14.99
CA PRO B 106 3.81 6.84 15.80
C PRO B 106 4.37 5.46 15.48
N LYS B 107 5.36 5.42 14.59
CA LYS B 107 6.02 4.15 14.27
C LYS B 107 7.24 3.94 15.17
N ILE B 108 7.09 3.10 16.18
CA ILE B 108 8.17 2.79 17.11
C ILE B 108 9.29 2.06 16.39
N ASP B 109 8.93 1.36 15.32
CA ASP B 109 9.89 0.59 14.50
C ASP B 109 10.53 -0.54 15.30
N GLU B 110 9.96 -0.86 16.46
CA GLU B 110 10.44 -1.94 17.30
C GLU B 110 9.33 -2.95 17.55
N ASP B 111 8.15 -2.66 17.01
CA ASP B 111 6.99 -3.54 17.18
C ASP B 111 6.19 -3.66 15.89
N ASP B 112 5.82 -4.89 15.56
CA ASP B 112 4.92 -5.15 14.43
C ASP B 112 3.63 -5.71 14.96
N THR B 113 3.15 -5.13 16.06
CA THR B 113 1.97 -5.60 16.75
C THR B 113 0.73 -5.58 15.86
N TRP B 114 0.59 -4.51 15.08
CA TRP B 114 -0.58 -4.35 14.21
C TRP B 114 -0.59 -5.34 13.05
N TYR B 115 0.60 -5.70 12.56
CA TYR B 115 0.68 -6.64 11.44
C TYR B 115 0.35 -8.06 11.88
N ASN B 116 0.70 -8.41 13.11
CA ASN B 116 0.44 -9.74 13.64
C ASN B 116 -1.04 -9.96 13.95
N LEU B 117 -1.79 -8.87 14.05
CA LEU B 117 -3.21 -8.95 14.37
C LEU B 117 -4.07 -8.82 13.11
N THR B 118 -3.46 -8.41 12.01
CA THR B 118 -4.19 -8.22 10.76
C THR B 118 -3.48 -8.90 9.59
N GLU B 119 -2.69 -9.93 9.89
CA GLU B 119 -1.88 -10.60 8.87
C GLU B 119 -2.71 -11.21 7.75
N PHE B 120 -3.81 -11.87 8.11
CA PHE B 120 -4.64 -12.56 7.13
C PHE B 120 -5.91 -11.80 6.79
N VAL B 121 -6.10 -10.66 7.43
CA VAL B 121 -7.28 -9.84 7.20
C VAL B 121 -7.22 -9.13 5.85
N GLN B 122 -8.16 -9.46 4.97
CA GLN B 122 -8.22 -8.85 3.65
C GLN B 122 -9.49 -8.03 3.49
N MET B 123 -9.41 -6.95 2.71
CA MET B 123 -10.54 -6.06 2.51
C MET B 123 -11.68 -6.69 1.72
N ASP B 124 -11.35 -7.60 0.81
CA ASP B 124 -12.36 -8.31 0.04
C ASP B 124 -13.16 -9.24 0.94
N LYS B 125 -12.56 -9.65 2.05
CA LYS B 125 -13.21 -10.53 3.00
C LYS B 125 -14.01 -9.73 4.03
N ILE B 126 -13.70 -8.43 4.15
CA ILE B 126 -14.40 -7.56 5.08
C ILE B 126 -15.67 -7.00 4.46
N ARG B 127 -15.57 -6.55 3.21
CA ARG B 127 -16.71 -5.96 2.51
C ARG B 127 -17.81 -6.99 2.26
N LYS B 128 -17.47 -8.27 2.45
CA LYS B 128 -18.44 -9.35 2.34
C LYS B 128 -19.22 -9.49 3.64
N ILE B 129 -18.51 -9.45 4.76
CA ILE B 129 -19.12 -9.50 6.07
C ILE B 129 -19.97 -8.26 6.31
N VAL B 130 -19.44 -7.09 5.98
CA VAL B 130 -20.21 -5.85 6.05
C VAL B 130 -20.77 -5.53 4.67
N ARG B 131 -22.01 -5.95 4.44
CA ARG B 131 -22.64 -5.82 3.13
C ARG B 131 -22.77 -4.36 2.69
N LYS B 132 -21.83 -3.91 1.85
CA LYS B 132 -21.87 -2.57 1.31
C LYS B 132 -20.99 -2.48 0.05
N ASP B 133 -21.64 -2.32 -1.09
CA ASP B 133 -20.94 -2.34 -2.38
C ASP B 133 -20.64 -0.95 -2.90
N GLU B 134 -21.31 0.05 -2.35
CA GLU B 134 -21.13 1.43 -2.80
C GLU B 134 -19.74 1.95 -2.48
N ASN B 135 -19.36 1.84 -1.20
CA ASN B 135 -18.06 2.33 -0.76
C ASN B 135 -16.99 1.24 -0.73
N GLN B 136 -15.73 1.65 -0.73
CA GLN B 136 -14.62 0.70 -0.68
C GLN B 136 -14.20 0.46 0.77
N PHE B 137 -14.95 1.05 1.70
CA PHE B 137 -14.69 0.88 3.12
C PHE B 137 -15.93 0.36 3.83
N SER B 138 -15.75 -0.15 5.04
CA SER B 138 -16.85 -0.73 5.80
C SER B 138 -17.06 0.01 7.12
N TYR B 139 -18.34 0.24 7.46
CA TYR B 139 -18.68 0.90 8.70
C TYR B 139 -19.07 -0.10 9.78
N VAL B 140 -18.40 -0.02 10.93
CA VAL B 140 -18.66 -0.94 12.04
C VAL B 140 -18.73 -0.16 13.36
N ASP B 141 -19.87 -0.26 14.04
CA ASP B 141 -20.03 0.40 15.34
C ASP B 141 -20.11 -0.62 16.48
N SER B 142 -20.52 -0.16 17.66
CA SER B 142 -20.54 -0.99 18.85
C SER B 142 -21.78 -1.87 18.94
N SER B 143 -22.93 -1.32 18.54
CA SER B 143 -24.20 -2.00 18.70
C SER B 143 -24.70 -2.67 17.41
N MET B 144 -23.78 -3.23 16.65
CA MET B 144 -24.14 -3.96 15.44
C MET B 144 -24.30 -5.45 15.73
N THR B 145 -25.46 -6.00 15.38
CA THR B 145 -25.75 -7.41 15.60
C THR B 145 -25.41 -8.24 14.37
N THR B 146 -24.92 -9.46 14.59
CA THR B 146 -24.57 -10.35 13.50
C THR B 146 -25.79 -11.08 12.94
N VAL B 147 -25.56 -11.88 11.89
CA VAL B 147 -26.63 -12.63 11.26
C VAL B 147 -27.15 -13.73 12.20
N GLN B 148 -26.29 -14.20 13.09
CA GLN B 148 -26.67 -15.24 14.02
C GLN B 148 -27.48 -14.66 15.18
N GLU B 149 -27.12 -13.46 15.60
CA GLU B 149 -27.84 -12.78 16.67
C GLU B 149 -29.24 -12.37 16.23
N ASN B 150 -29.39 -12.02 14.96
CA ASN B 150 -30.68 -11.63 14.43
C ASN B 150 -31.67 -12.79 14.34
N GLU B 151 -32.11 -13.25 15.51
CA GLU B 151 -33.05 -14.36 15.60
C GLU B 151 -34.13 -13.99 16.60
N LEU B 152 -33.90 -12.92 17.34
CA LEU B 152 -34.86 -12.42 18.31
C LEU B 152 -36.01 -11.69 17.60
N SER B 153 -35.67 -10.92 16.58
CA SER B 153 -36.65 -10.11 15.87
C SER B 153 -37.07 -10.72 14.54
N SER B 154 -38.38 -10.72 14.30
CA SER B 154 -38.92 -11.22 13.03
C SER B 154 -38.53 -10.29 11.88
N SER B 155 -38.45 -9.00 12.17
CA SER B 155 -38.01 -8.02 11.18
C SER B 155 -36.54 -8.22 10.84
N SER B 156 -36.26 -8.35 9.55
CA SER B 156 -34.89 -8.52 9.08
C SER B 156 -34.11 -7.23 9.23
N SER B 157 -32.79 -7.33 9.20
CA SER B 157 -31.93 -6.16 9.24
C SER B 157 -31.51 -5.75 7.84
N ASP B 158 -31.13 -4.48 7.69
CA ASP B 158 -30.70 -3.94 6.41
C ASP B 158 -29.43 -4.62 5.95
N PRO B 159 -29.03 -4.41 4.67
CA PRO B 159 -27.72 -4.90 4.26
C PRO B 159 -26.61 -4.33 5.16
N ALA B 160 -26.77 -3.08 5.58
CA ALA B 160 -25.87 -2.49 6.56
C ALA B 160 -26.38 -2.82 7.97
N HIS B 161 -25.68 -2.32 8.97
CA HIS B 161 -26.04 -2.52 10.38
C HIS B 161 -26.08 -4.00 10.77
N SER B 162 -25.35 -4.84 10.04
CA SER B 162 -25.29 -6.27 10.33
C SER B 162 -24.04 -6.93 9.76
N LEU B 163 -23.32 -7.62 10.64
CA LEU B 163 -22.10 -8.33 10.25
C LEU B 163 -22.43 -9.72 9.73
N ASN B 164 -22.05 -9.99 8.49
CA ASN B 164 -22.28 -11.30 7.90
C ASN B 164 -21.14 -12.27 8.18
N TYR B 165 -20.96 -12.59 9.47
CA TYR B 165 -19.95 -13.56 9.86
C TYR B 165 -20.36 -14.95 9.41
N THR B 166 -19.38 -15.83 9.25
CA THR B 166 -19.64 -17.22 8.89
C THR B 166 -20.28 -17.96 10.06
N VAL B 167 -21.55 -18.33 9.89
CA VAL B 167 -22.30 -18.99 10.96
C VAL B 167 -21.79 -20.40 11.24
N ILE B 168 -21.46 -20.65 12.51
CA ILE B 168 -20.99 -21.96 12.93
C ILE B 168 -21.99 -22.60 13.90
N ASN B 169 -22.21 -23.90 13.76
CA ASN B 169 -23.18 -24.60 14.59
C ASN B 169 -22.58 -25.76 15.39
N PHE B 170 -23.01 -25.89 16.64
CA PHE B 170 -22.55 -26.96 17.50
C PHE B 170 -23.71 -27.62 18.23
N MET B 182 -34.41 -42.92 12.69
CA MET B 182 -33.43 -42.57 11.68
C MET B 182 -33.62 -41.13 11.22
N GLU B 183 -32.51 -40.41 11.10
CA GLU B 183 -32.54 -38.99 10.71
C GLU B 183 -33.09 -38.78 9.32
N ASP B 184 -33.87 -37.72 9.16
CA ASP B 184 -34.49 -37.38 7.88
C ASP B 184 -33.48 -36.73 6.95
N PHE B 185 -32.46 -36.10 7.54
CA PHE B 185 -31.38 -35.46 6.80
C PHE B 185 -31.86 -34.36 5.85
N LEU B 186 -33.09 -33.91 6.05
CA LEU B 186 -33.66 -32.81 5.26
C LEU B 186 -32.79 -31.58 5.45
N ASP B 187 -32.58 -31.21 6.71
CA ASP B 187 -31.66 -30.15 7.07
C ASP B 187 -30.55 -30.74 7.89
N LYS B 188 -29.30 -30.49 7.51
CA LYS B 188 -28.18 -30.95 8.31
C LYS B 188 -27.76 -29.87 9.30
N SER B 189 -27.54 -30.29 10.54
CA SER B 189 -27.16 -29.35 11.59
C SER B 189 -25.66 -29.42 11.87
N TYR B 190 -25.06 -30.58 11.61
CA TYR B 190 -23.66 -30.80 11.97
C TYR B 190 -22.83 -31.34 10.80
N TYR B 191 -23.50 -31.93 9.82
CA TYR B 191 -22.81 -32.55 8.69
C TYR B 191 -22.20 -31.51 7.74
N LEU B 192 -22.69 -30.27 7.84
CA LEU B 192 -22.09 -29.17 7.08
C LEU B 192 -20.73 -28.78 7.64
N ASN B 193 -20.49 -29.10 8.91
CA ASN B 193 -19.22 -28.76 9.56
C ASN B 193 -18.02 -29.46 8.94
N THR B 194 -18.24 -30.68 8.44
CA THR B 194 -17.17 -31.48 7.83
C THR B 194 -16.61 -30.82 6.57
N VAL B 195 -17.50 -30.43 5.66
CA VAL B 195 -17.08 -29.83 4.40
C VAL B 195 -16.51 -28.43 4.63
N MET B 196 -16.97 -27.77 5.69
CA MET B 196 -16.47 -26.44 6.04
C MET B 196 -15.05 -26.53 6.56
N LEU B 197 -14.77 -27.58 7.31
CA LEU B 197 -13.42 -27.81 7.84
C LEU B 197 -12.44 -28.17 6.74
N GLN B 198 -12.92 -28.95 5.77
CA GLN B 198 -12.07 -29.39 4.66
C GLN B 198 -11.59 -28.20 3.82
N GLY B 199 -12.38 -27.14 3.79
CA GLY B 199 -12.00 -25.93 3.10
C GLY B 199 -11.01 -25.11 3.91
N ILE B 200 -10.87 -25.45 5.17
CA ILE B 200 -9.95 -24.76 6.07
C ILE B 200 -8.66 -25.54 6.23
N PHE B 201 -8.78 -26.87 6.24
CA PHE B 201 -7.61 -27.74 6.36
C PHE B 201 -6.60 -27.49 5.25
N LYS B 202 -7.09 -27.05 4.09
CA LYS B 202 -6.24 -26.60 3.00
C LYS B 202 -6.64 -25.19 2.59
N ASN B 203 -5.66 -24.30 2.51
CA ASN B 203 -5.91 -22.89 2.22
C ASN B 203 -6.87 -22.25 3.22
N SER B 204 -6.35 -21.94 4.41
CA SER B 204 -7.16 -21.34 5.46
C SER B 204 -6.92 -19.84 5.54
N SER B 205 -6.61 -19.23 4.39
CA SER B 205 -6.36 -17.81 4.32
C SER B 205 -7.63 -17.01 4.64
N ASN B 206 -8.77 -17.53 4.19
CA ASN B 206 -10.04 -16.88 4.42
C ASN B 206 -10.50 -17.02 5.88
N TYR B 207 -10.19 -18.16 6.47
CA TYR B 207 -10.58 -18.45 7.85
C TYR B 207 -9.86 -17.55 8.85
N PHE B 208 -8.53 -17.52 8.77
CA PHE B 208 -7.73 -16.72 9.69
C PHE B 208 -8.05 -15.24 9.58
N GLY B 209 -8.39 -14.80 8.37
CA GLY B 209 -8.76 -13.42 8.14
C GLY B 209 -10.00 -13.02 8.91
N GLU B 210 -11.00 -13.89 8.90
CA GLU B 210 -12.25 -13.64 9.60
C GLU B 210 -12.07 -13.77 11.11
N LEU B 211 -11.11 -14.59 11.51
CA LEU B 211 -10.83 -14.82 12.92
C LEU B 211 -10.28 -13.56 13.58
N GLN B 212 -9.21 -13.02 13.00
CA GLN B 212 -8.58 -11.81 13.51
C GLN B 212 -9.53 -10.61 13.44
N PHE B 213 -10.24 -10.51 12.32
CA PHE B 213 -11.20 -9.43 12.10
C PHE B 213 -12.28 -9.40 13.18
N ALA B 214 -12.90 -10.56 13.42
CA ALA B 214 -13.95 -10.66 14.42
C ALA B 214 -13.40 -10.31 15.80
N PHE B 215 -12.16 -10.73 16.06
CA PHE B 215 -11.50 -10.45 17.32
C PHE B 215 -11.33 -8.95 17.54
N LEU B 216 -10.87 -8.25 16.50
CA LEU B 216 -10.63 -6.81 16.59
C LEU B 216 -11.91 -6.02 16.79
N ASN B 217 -12.96 -6.39 16.06
CA ASN B 217 -14.25 -5.73 16.20
C ASN B 217 -14.86 -5.99 17.57
N ALA B 218 -14.66 -7.21 18.06
CA ALA B 218 -15.11 -7.57 19.39
C ALA B 218 -14.34 -6.78 20.43
N MET B 219 -13.09 -6.46 20.10
CA MET B 219 -12.26 -5.66 20.98
C MET B 219 -12.50 -4.16 20.78
N PHE B 220 -11.98 -3.64 19.67
CA PHE B 220 -12.01 -2.20 19.40
C PHE B 220 -13.36 -1.52 19.54
N PHE B 221 -14.44 -2.27 19.30
CA PHE B 221 -15.78 -1.68 19.37
C PHE B 221 -16.64 -2.31 20.47
N GLY B 222 -16.12 -3.35 21.10
CA GLY B 222 -16.85 -4.03 22.16
C GLY B 222 -18.06 -4.77 21.62
N ASN B 223 -18.00 -5.12 20.34
CA ASN B 223 -19.09 -5.82 19.68
C ASN B 223 -19.30 -7.21 20.25
N TYR B 224 -20.42 -7.40 20.95
CA TYR B 224 -20.72 -8.67 21.59
C TYR B 224 -20.88 -9.80 20.59
N GLY B 225 -21.46 -9.49 19.44
CA GLY B 225 -21.66 -10.48 18.39
C GLY B 225 -20.35 -10.99 17.81
N SER B 226 -19.37 -10.11 17.74
CA SER B 226 -18.06 -10.46 17.19
C SER B 226 -17.28 -11.32 18.18
N SER B 227 -17.53 -11.13 19.47
CA SER B 227 -16.87 -11.89 20.50
C SER B 227 -17.40 -13.33 20.52
N LEU B 228 -18.67 -13.47 20.17
CA LEU B 228 -19.30 -14.78 20.08
C LEU B 228 -18.77 -15.52 18.85
N GLN B 229 -18.63 -14.78 17.74
CA GLN B 229 -18.12 -15.36 16.51
C GLN B 229 -16.66 -15.77 16.67
N TRP B 230 -15.89 -14.93 17.35
CA TRP B 230 -14.47 -15.21 17.58
C TRP B 230 -14.30 -16.47 18.42
N HIS B 231 -15.16 -16.62 19.42
CA HIS B 231 -15.14 -17.82 20.26
C HIS B 231 -15.60 -19.04 19.47
N ALA B 232 -16.55 -18.82 18.57
CA ALA B 232 -17.11 -19.89 17.77
C ALA B 232 -16.07 -20.46 16.80
N MET B 233 -15.26 -19.58 16.24
CA MET B 233 -14.24 -19.99 15.28
C MET B 233 -13.09 -20.69 15.98
N ILE B 234 -12.85 -20.33 17.24
CA ILE B 234 -11.85 -20.99 18.05
C ILE B 234 -12.35 -22.38 18.46
N GLU B 235 -13.60 -22.43 18.90
CA GLU B 235 -14.21 -23.68 19.33
C GLU B 235 -14.30 -24.70 18.22
N LEU B 236 -14.38 -24.21 16.98
CA LEU B 236 -14.52 -25.07 15.81
C LEU B 236 -13.32 -26.00 15.63
N ILE B 237 -12.12 -25.48 15.85
CA ILE B 237 -10.91 -26.26 15.69
C ILE B 237 -10.56 -27.04 16.95
N CYS B 238 -10.87 -26.43 18.11
CA CYS B 238 -10.60 -27.06 19.40
C CYS B 238 -11.37 -28.36 19.60
N SER B 239 -12.45 -28.52 18.83
CA SER B 239 -13.28 -29.72 18.92
C SER B 239 -12.76 -30.81 17.99
N GLU B 240 -11.57 -30.62 17.45
CA GLU B 240 -10.97 -31.59 16.54
C GLU B 240 -9.73 -32.24 17.13
N ALA B 241 -9.67 -33.57 17.04
CA ALA B 241 -8.54 -34.33 17.54
C ALA B 241 -7.32 -34.17 16.64
N THR B 242 -7.53 -34.40 15.35
CA THR B 242 -6.44 -34.28 14.37
C THR B 242 -6.58 -33.02 13.50
N VAL B 243 -5.47 -32.30 13.37
CA VAL B 243 -5.43 -31.07 12.59
C VAL B 243 -4.05 -30.88 11.97
N PRO B 244 -3.99 -30.32 10.75
CA PRO B 244 -2.74 -30.12 10.00
C PRO B 244 -1.68 -29.35 10.78
N LYS B 245 -0.42 -29.57 10.42
CA LYS B 245 0.70 -28.94 11.10
C LYS B 245 0.80 -27.44 10.83
N HIS B 246 0.60 -27.06 9.58
CA HIS B 246 0.74 -25.66 9.18
C HIS B 246 -0.34 -24.78 9.82
N MET B 247 -1.51 -25.35 10.06
CA MET B 247 -2.60 -24.59 10.66
C MET B 247 -2.42 -24.46 12.17
N LEU B 248 -1.81 -25.46 12.77
CA LEU B 248 -1.56 -25.45 14.21
C LEU B 248 -0.47 -24.47 14.60
N ASP B 249 0.62 -24.47 13.83
CA ASP B 249 1.77 -23.64 14.12
C ASP B 249 1.47 -22.16 13.94
N LYS B 250 0.51 -21.86 13.07
CA LYS B 250 0.19 -20.47 12.77
C LYS B 250 -0.94 -19.94 13.66
N LEU B 251 -1.93 -20.79 13.92
CA LEU B 251 -3.03 -20.41 14.78
C LEU B 251 -2.55 -20.12 16.20
N ASP B 252 -1.59 -20.93 16.65
CA ASP B 252 -0.96 -20.72 17.95
C ASP B 252 -0.27 -19.36 17.97
N GLU B 253 0.31 -18.98 16.84
CA GLU B 253 0.95 -17.68 16.70
C GLU B 253 -0.11 -16.58 16.67
N ILE B 254 -1.15 -16.80 15.89
CA ILE B 254 -2.25 -15.83 15.78
C ILE B 254 -2.91 -15.59 17.12
N LEU B 255 -3.22 -16.68 17.82
CA LEU B 255 -3.87 -16.58 19.12
C LEU B 255 -2.93 -16.00 20.18
N TYR B 256 -1.64 -16.28 20.06
CA TYR B 256 -0.65 -15.77 21.01
C TYR B 256 -0.65 -14.24 21.06
N TYR B 257 -0.53 -13.62 19.89
CA TYR B 257 -0.52 -12.17 19.81
C TYR B 257 -1.85 -11.57 20.25
N GLN B 258 -2.94 -12.26 19.94
CA GLN B 258 -4.28 -11.79 20.29
C GLN B 258 -4.50 -11.75 21.80
N ILE B 259 -3.78 -12.61 22.51
CA ILE B 259 -3.86 -12.65 23.96
C ILE B 259 -2.90 -11.62 24.55
N LYS B 260 -1.85 -11.31 23.81
CA LYS B 260 -0.88 -10.32 24.27
C LYS B 260 -1.48 -8.91 24.33
N THR B 261 -2.30 -8.53 23.35
CA THR B 261 -2.96 -7.23 23.38
C THR B 261 -4.01 -7.20 24.48
N LEU B 262 -4.70 -8.33 24.60
CA LEU B 262 -5.72 -8.59 25.60
C LEU B 262 -5.20 -8.20 26.99
N PRO B 263 -5.96 -7.35 27.71
CA PRO B 263 -5.61 -6.84 29.05
C PRO B 263 -5.64 -7.92 30.13
N GLU B 264 -4.78 -7.76 31.13
CA GLU B 264 -4.82 -8.60 32.32
C GLU B 264 -6.05 -8.31 33.19
N GLN B 265 -6.21 -9.13 34.23
CA GLN B 265 -7.21 -8.96 35.29
C GLN B 265 -8.70 -8.93 34.86
N TYR B 266 -8.97 -9.28 33.60
CA TYR B 266 -10.36 -9.32 33.14
C TYR B 266 -10.69 -10.62 32.41
N SER B 267 -11.85 -11.20 32.71
CA SER B 267 -12.26 -12.47 32.12
C SER B 267 -13.78 -12.62 32.04
N ASP B 268 -14.50 -11.55 32.35
CA ASP B 268 -15.96 -11.58 32.30
C ASP B 268 -16.43 -11.77 30.86
N ILE B 269 -16.23 -10.74 30.05
CA ILE B 269 -16.58 -10.80 28.63
C ILE B 269 -15.30 -10.99 27.82
N LEU B 270 -15.43 -11.03 26.49
CA LEU B 270 -14.31 -11.22 25.56
C LEU B 270 -13.35 -12.37 25.89
N LEU B 271 -13.82 -13.31 26.71
CA LEU B 271 -13.02 -14.46 27.09
C LEU B 271 -13.91 -15.55 27.66
N ASN B 272 -14.11 -16.60 26.87
CA ASN B 272 -14.92 -17.73 27.32
C ASN B 272 -14.04 -18.82 27.92
N GLU B 273 -14.23 -19.08 29.20
CA GLU B 273 -13.45 -20.09 29.92
C GLU B 273 -13.71 -21.48 29.37
N ARG B 274 -14.96 -21.75 29.01
CA ARG B 274 -15.36 -23.04 28.47
C ARG B 274 -14.69 -23.33 27.13
N VAL B 275 -14.70 -22.34 26.24
CA VAL B 275 -14.11 -22.48 24.92
C VAL B 275 -12.60 -22.73 25.02
N TRP B 276 -11.96 -22.02 25.95
CA TRP B 276 -10.53 -22.21 26.16
C TRP B 276 -10.22 -23.54 26.85
N ASN B 277 -11.11 -23.96 27.74
CA ASN B 277 -10.91 -25.18 28.52
C ASN B 277 -10.82 -26.42 27.63
N ILE B 278 -11.54 -26.41 26.52
CA ILE B 278 -11.53 -27.55 25.60
C ILE B 278 -10.35 -27.48 24.65
N CYS B 279 -9.57 -26.40 24.74
CA CYS B 279 -8.38 -26.24 23.90
C CYS B 279 -7.16 -26.90 24.53
N LEU B 280 -7.17 -27.09 25.84
CA LEU B 280 -6.10 -27.79 26.52
C LEU B 280 -6.20 -29.29 26.30
N TYR B 281 -7.40 -29.75 25.94
CA TYR B 281 -7.66 -31.17 25.76
C TYR B 281 -7.26 -31.65 24.36
N SER B 282 -7.40 -30.77 23.37
CA SER B 282 -7.06 -31.11 21.99
C SER B 282 -5.61 -30.75 21.67
N SER B 283 -5.10 -29.71 22.32
CA SER B 283 -3.73 -29.28 22.12
C SER B 283 -2.83 -29.74 23.26
N PHE B 284 -2.89 -31.03 23.56
CA PHE B 284 -2.07 -31.62 24.61
C PHE B 284 -1.09 -32.61 24.00
N GLN B 285 -1.14 -32.74 22.69
CA GLN B 285 -0.35 -33.74 21.97
C GLN B 285 1.08 -33.27 21.66
N LYS B 286 1.27 -31.98 21.47
CA LYS B 286 2.58 -31.45 21.08
C LYS B 286 3.40 -30.71 22.16
N ASN B 287 2.86 -29.68 22.83
CA ASN B 287 1.50 -29.16 22.69
C ASN B 287 1.35 -28.19 21.52
N SER B 288 0.25 -28.33 20.79
CA SER B 288 0.01 -27.54 19.59
C SER B 288 -0.03 -26.04 19.87
N LEU B 289 -0.85 -25.66 20.84
CA LEU B 289 -0.94 -24.25 21.25
C LEU B 289 -0.02 -23.97 22.43
N HIS B 290 1.28 -24.22 22.23
CA HIS B 290 2.27 -24.03 23.28
C HIS B 290 2.39 -22.57 23.72
N ASN B 291 2.63 -21.69 22.76
CA ASN B 291 2.79 -20.26 23.05
C ASN B 291 1.53 -19.62 23.61
N THR B 292 0.38 -20.14 23.21
CA THR B 292 -0.90 -19.63 23.69
C THR B 292 -1.12 -20.00 25.15
N GLU B 293 -0.73 -21.22 25.51
CA GLU B 293 -0.87 -21.70 26.88
C GLU B 293 0.14 -21.02 27.80
N LYS B 294 1.33 -20.73 27.27
CA LYS B 294 2.40 -20.14 28.06
C LYS B 294 2.05 -18.72 28.52
N ILE B 295 1.34 -17.99 27.67
CA ILE B 295 0.97 -16.61 27.98
C ILE B 295 -0.33 -16.57 28.78
N MET B 296 -1.11 -17.65 28.71
CA MET B 296 -2.38 -17.73 29.43
C MET B 296 -2.16 -17.89 30.93
N GLU B 297 -1.17 -18.69 31.31
CA GLU B 297 -0.86 -18.91 32.72
C GLU B 297 -0.19 -17.68 33.33
N ASN B 298 0.42 -16.85 32.48
CA ASN B 298 1.04 -15.61 32.93
C ASN B 298 0.02 -14.48 33.05
N LYS B 299 -0.84 -14.37 32.04
CA LYS B 299 -1.86 -13.33 32.03
C LYS B 299 -3.00 -13.68 32.99
N TYR B 300 -3.37 -14.96 33.03
CA TYR B 300 -4.45 -15.46 33.88
C TYR B 300 -4.09 -16.76 34.58
N PRO B 301 -3.39 -16.66 35.70
CA PRO B 301 -3.02 -17.84 36.47
C PRO B 301 -4.22 -18.44 37.21
N GLU B 302 -5.24 -17.63 37.47
CA GLU B 302 -6.39 -18.09 38.24
C GLU B 302 -7.45 -18.72 37.34
N LEU B 303 -7.18 -18.69 36.03
CA LEU B 303 -8.11 -19.24 35.06
C LEU B 303 -7.87 -20.73 34.86
#